data_4K8A
#
_entry.id   4K8A
#
_cell.length_a   47.070
_cell.length_b   88.559
_cell.length_c   137.087
_cell.angle_alpha   90.00
_cell.angle_beta   90.00
_cell.angle_gamma   90.00
#
_symmetry.space_group_name_H-M   'P 21 21 21'
#
loop_
_entity.id
_entity.type
_entity.pdbx_description
1 polymer 'Focal adhesion kinase 1'
2 non-polymer 3-bromo-5-(2H-tetrazol-5-yl)pyridine
3 water water
#
_entity_poly.entity_id   1
_entity_poly.type   'polypeptide(L)'
_entity_poly.pdbx_seq_one_letter_code
;GSPSTRDYEIQRERIELGRCIGEGQFGDVHQGIYMSPENPALAVAIKTCKNCTSDSVREKFLQEALTMRQFDHPHIVKLI
GVITENPVWIIMELCTLGELRSFLQVRKYSLDLASLILYAYQLSTALAYLESKRFVHRDIAARNVLVSSNDCVKLGDFGL
SRYMEDSTYYKASKGKLPIKWMAPESINFRRFTSASDVWMFGVCMWEILMHGVKPFQGVKNNDVIGRIENGERLPMPPNC
PPTLYSLMTKCWAYDPSRRPRFTELKAQLSTILEEEKAQ
;
_entity_poly.pdbx_strand_id   A,B
#
loop_
_chem_comp.id
_chem_comp.type
_chem_comp.name
_chem_comp.formula
K8A non-polymer 3-bromo-5-(2H-tetrazol-5-yl)pyridine 'C6 H4 Br N5'
#
# COMPACT_ATOMS: atom_id res chain seq x y z
N ASP A 7 -16.13 19.91 -14.47
CA ASP A 7 -17.54 19.71 -14.14
C ASP A 7 -18.29 18.92 -15.20
N TYR A 8 -19.07 17.92 -14.71
CA TYR A 8 -19.83 16.93 -15.47
C TYR A 8 -21.31 17.25 -15.75
N GLU A 9 -21.79 18.49 -15.52
CA GLU A 9 -23.20 18.82 -15.80
C GLU A 9 -23.54 18.66 -17.28
N ILE A 10 -24.53 17.80 -17.56
CA ILE A 10 -25.02 17.49 -18.91
C ILE A 10 -26.43 18.04 -19.12
N GLN A 11 -26.69 18.59 -20.31
CA GLN A 11 -27.99 19.08 -20.73
C GLN A 11 -28.84 17.85 -21.02
N ARG A 12 -30.05 17.77 -20.44
CA ARG A 12 -30.97 16.63 -20.59
C ARG A 12 -31.34 16.32 -22.04
N GLU A 13 -31.40 17.34 -22.92
CA GLU A 13 -31.75 17.15 -24.34
C GLU A 13 -30.68 16.33 -25.10
N ARG A 14 -29.51 16.18 -24.47
CA ARG A 14 -28.39 15.39 -24.96
C ARG A 14 -28.48 13.92 -24.49
N ILE A 15 -29.53 13.58 -23.72
CA ILE A 15 -29.78 12.21 -23.20
C ILE A 15 -31.14 11.66 -23.66
N GLU A 16 -31.13 10.48 -24.32
CA GLU A 16 -32.33 9.78 -24.79
C GLU A 16 -32.48 8.48 -23.98
N LEU A 17 -33.50 8.43 -23.09
CA LEU A 17 -33.77 7.29 -22.23
C LEU A 17 -34.28 6.07 -22.99
N GLY A 18 -33.78 4.89 -22.62
CA GLY A 18 -34.18 3.62 -23.21
C GLY A 18 -34.79 2.66 -22.21
N ARG A 19 -34.63 1.35 -22.44
CA ARG A 19 -35.19 0.30 -21.57
C ARG A 19 -34.49 0.17 -20.20
N CYS A 20 -35.26 -0.28 -19.19
CA CYS A 20 -34.78 -0.51 -17.84
C CYS A 20 -33.91 -1.76 -17.87
N ILE A 21 -32.64 -1.63 -17.48
CA ILE A 21 -31.66 -2.71 -17.50
C ILE A 21 -31.37 -3.32 -16.12
N GLY A 22 -31.77 -2.60 -15.06
CA GLY A 22 -31.56 -3.06 -13.70
C GLY A 22 -32.25 -2.23 -12.65
N GLU A 23 -32.07 -2.62 -11.40
CA GLU A 23 -32.61 -1.91 -10.25
C GLU A 23 -31.44 -1.50 -9.38
N GLY A 24 -31.51 -0.26 -8.89
CA GLY A 24 -30.48 0.31 -8.05
C GLY A 24 -30.98 0.69 -6.68
N GLN A 25 -30.08 1.27 -5.86
CA GLN A 25 -30.36 1.70 -4.50
C GLN A 25 -31.41 2.82 -4.40
N PHE A 26 -31.34 3.83 -5.30
CA PHE A 26 -32.22 5.01 -5.28
C PHE A 26 -33.35 5.02 -6.31
N GLY A 27 -33.25 4.13 -7.28
CA GLY A 27 -34.24 4.01 -8.34
C GLY A 27 -33.88 2.97 -9.37
N ASP A 28 -34.39 3.14 -10.59
CA ASP A 28 -34.17 2.20 -11.69
C ASP A 28 -33.04 2.61 -12.61
N VAL A 29 -32.21 1.63 -12.97
CA VAL A 29 -31.13 1.88 -13.92
C VAL A 29 -31.67 1.59 -15.32
N HIS A 30 -31.44 2.53 -16.25
CA HIS A 30 -31.87 2.42 -17.63
C HIS A 30 -30.68 2.45 -18.56
N GLN A 31 -30.87 1.95 -19.80
CA GLN A 31 -29.84 2.09 -20.82
C GLN A 31 -30.29 3.28 -21.66
N GLY A 32 -29.36 3.92 -22.35
CA GLY A 32 -29.69 5.10 -23.14
C GLY A 32 -28.63 5.53 -24.12
N ILE A 33 -28.84 6.69 -24.73
CA ILE A 33 -27.97 7.28 -25.74
C ILE A 33 -27.61 8.69 -25.34
N TYR A 34 -26.30 9.02 -25.44
CA TYR A 34 -25.75 10.34 -25.20
C TYR A 34 -25.13 10.86 -26.50
N MET A 35 -25.69 11.95 -27.05
CA MET A 35 -25.17 12.60 -28.26
C MET A 35 -24.28 13.75 -27.88
N SER A 36 -23.03 13.75 -28.40
CA SER A 36 -22.02 14.77 -28.12
C SER A 36 -21.24 15.13 -29.41
N PRO A 37 -20.57 16.30 -29.53
CA PRO A 37 -19.79 16.57 -30.76
C PRO A 37 -18.36 16.01 -30.71
N PRO A 40 -20.04 11.77 -31.23
CA PRO A 40 -20.91 10.72 -31.79
C PRO A 40 -21.75 10.00 -30.72
N ALA A 41 -22.98 9.54 -31.09
CA ALA A 41 -23.92 8.85 -30.19
C ALA A 41 -23.26 7.68 -29.47
N LEU A 42 -23.43 7.62 -28.13
CA LEU A 42 -22.79 6.68 -27.23
C LEU A 42 -23.80 5.98 -26.32
N ALA A 43 -23.70 4.64 -26.20
CA ALA A 43 -24.57 3.83 -25.33
C ALA A 43 -24.16 4.08 -23.88
N VAL A 44 -25.14 4.48 -23.06
CA VAL A 44 -24.90 4.83 -21.68
C VAL A 44 -25.86 4.09 -20.76
N ALA A 45 -25.59 4.17 -19.44
CA ALA A 45 -26.43 3.69 -18.37
C ALA A 45 -26.84 4.93 -17.56
N ILE A 46 -28.15 5.06 -17.29
CA ILE A 46 -28.72 6.19 -16.56
C ILE A 46 -29.26 5.70 -15.23
N LYS A 47 -28.59 6.09 -14.14
CA LYS A 47 -29.03 5.77 -12.79
C LYS A 47 -30.06 6.85 -12.43
N THR A 48 -31.28 6.42 -12.07
CA THR A 48 -32.34 7.36 -11.72
C THR A 48 -32.56 7.37 -10.21
N CYS A 49 -33.24 8.41 -9.73
CA CYS A 49 -33.52 8.61 -8.32
C CYS A 49 -35.00 8.94 -8.11
N LYS A 50 -35.72 7.99 -7.49
CA LYS A 50 -37.15 8.01 -7.24
C LYS A 50 -37.65 9.20 -6.40
N ASN A 51 -37.08 9.35 -5.19
CA ASN A 51 -37.46 10.39 -4.24
C ASN A 51 -36.33 11.39 -4.08
N CYS A 52 -35.91 12.02 -5.18
CA CYS A 52 -34.79 12.97 -5.14
C CYS A 52 -35.24 14.43 -5.06
N THR A 53 -36.55 14.67 -4.79
CA THR A 53 -37.12 16.00 -4.58
C THR A 53 -36.67 16.48 -3.20
N SER A 54 -36.31 15.50 -2.33
CA SER A 54 -35.75 15.65 -0.99
C SER A 54 -34.24 15.85 -1.19
N ASP A 55 -33.71 16.99 -0.71
CA ASP A 55 -32.31 17.35 -0.86
C ASP A 55 -31.36 16.42 -0.10
N SER A 56 -31.83 15.76 0.98
CA SER A 56 -31.05 14.82 1.78
C SER A 56 -30.74 13.55 0.96
N VAL A 57 -31.75 13.03 0.22
CA VAL A 57 -31.64 11.85 -0.65
C VAL A 57 -30.77 12.21 -1.87
N ARG A 58 -30.97 13.43 -2.41
CA ARG A 58 -30.25 14.00 -3.54
C ARG A 58 -28.75 14.01 -3.23
N GLU A 59 -28.35 14.62 -2.08
CA GLU A 59 -26.98 14.73 -1.58
C GLU A 59 -26.33 13.35 -1.47
N LYS A 60 -27.07 12.36 -0.94
CA LYS A 60 -26.60 10.98 -0.79
C LYS A 60 -26.37 10.33 -2.15
N PHE A 61 -27.33 10.51 -3.09
CA PHE A 61 -27.28 9.95 -4.45
C PHE A 61 -26.14 10.54 -5.27
N LEU A 62 -26.01 11.89 -5.26
CA LEU A 62 -24.98 12.62 -6.00
C LEU A 62 -23.57 12.41 -5.46
N GLN A 63 -23.46 11.90 -4.22
CA GLN A 63 -22.19 11.58 -3.58
C GLN A 63 -21.45 10.49 -4.37
N GLU A 64 -22.19 9.52 -4.98
CA GLU A 64 -21.61 8.46 -5.82
C GLU A 64 -20.85 9.07 -6.99
N ALA A 65 -21.45 10.07 -7.66
CA ALA A 65 -20.82 10.77 -8.77
C ALA A 65 -19.56 11.51 -8.32
N LEU A 66 -19.61 12.17 -7.15
CA LEU A 66 -18.49 12.89 -6.56
C LEU A 66 -17.28 11.96 -6.37
N THR A 67 -17.52 10.72 -5.88
CA THR A 67 -16.55 9.66 -5.63
C THR A 67 -15.89 9.20 -6.95
N MET A 68 -16.73 8.97 -7.96
CA MET A 68 -16.39 8.45 -9.26
C MET A 68 -15.57 9.34 -10.15
N ARG A 69 -15.73 10.67 -10.04
CA ARG A 69 -15.00 11.60 -10.91
C ARG A 69 -13.48 11.49 -10.73
N GLN A 70 -13.06 11.02 -9.54
CA GLN A 70 -11.68 10.82 -9.09
C GLN A 70 -10.95 9.70 -9.82
N PHE A 71 -11.67 8.65 -10.25
CA PHE A 71 -11.01 7.50 -10.86
C PHE A 71 -11.05 7.43 -12.38
N ASP A 72 -9.97 6.88 -12.94
CA ASP A 72 -9.80 6.61 -14.36
C ASP A 72 -9.00 5.32 -14.46
N HIS A 73 -9.70 4.21 -14.72
CA HIS A 73 -9.10 2.90 -14.83
C HIS A 73 -9.90 2.02 -15.78
N PRO A 74 -9.22 1.18 -16.62
CA PRO A 74 -9.96 0.31 -17.55
C PRO A 74 -10.99 -0.63 -16.93
N HIS A 75 -10.81 -1.02 -15.64
CA HIS A 75 -11.72 -1.98 -15.00
C HIS A 75 -12.55 -1.35 -13.88
N ILE A 76 -12.87 -0.07 -14.03
CA ILE A 76 -13.72 0.71 -13.13
C ILE A 76 -14.73 1.45 -14.02
N VAL A 77 -16.02 1.42 -13.65
CA VAL A 77 -17.09 2.09 -14.40
C VAL A 77 -16.78 3.61 -14.48
N LYS A 78 -16.83 4.17 -15.70
CA LYS A 78 -16.55 5.59 -15.93
C LYS A 78 -17.82 6.43 -15.80
N LEU A 79 -17.71 7.58 -15.12
CA LEU A 79 -18.79 8.55 -14.97
C LEU A 79 -18.72 9.50 -16.16
N ILE A 80 -19.80 9.55 -16.95
CA ILE A 80 -19.88 10.40 -18.12
C ILE A 80 -20.40 11.80 -17.74
N GLY A 81 -21.37 11.84 -16.84
CA GLY A 81 -21.93 13.10 -16.39
C GLY A 81 -23.08 12.98 -15.42
N VAL A 82 -23.67 14.13 -15.09
CA VAL A 82 -24.79 14.25 -14.14
C VAL A 82 -25.81 15.26 -14.63
N ILE A 83 -27.07 15.10 -14.19
CA ILE A 83 -28.16 16.02 -14.46
C ILE A 83 -28.77 16.29 -13.09
N THR A 84 -28.46 17.48 -12.53
CA THR A 84 -28.88 17.83 -11.16
C THR A 84 -30.28 18.43 -11.08
N GLU A 85 -30.86 18.84 -12.22
CA GLU A 85 -32.24 19.36 -12.22
C GLU A 85 -33.20 18.16 -12.11
N ASN A 86 -34.36 18.32 -11.43
CA ASN A 86 -35.30 17.21 -11.24
C ASN A 86 -36.04 16.80 -12.54
N PRO A 87 -36.12 15.48 -12.88
CA PRO A 87 -35.56 14.30 -12.19
C PRO A 87 -34.03 14.12 -12.30
N VAL A 88 -33.37 13.93 -11.16
CA VAL A 88 -31.91 13.78 -11.07
C VAL A 88 -31.41 12.46 -11.68
N TRP A 89 -30.43 12.55 -12.60
CA TRP A 89 -29.82 11.40 -13.28
C TRP A 89 -28.30 11.39 -13.18
N ILE A 90 -27.70 10.18 -13.17
CA ILE A 90 -26.25 9.97 -13.16
C ILE A 90 -25.96 9.14 -14.40
N ILE A 91 -25.19 9.72 -15.33
CA ILE A 91 -24.83 9.08 -16.61
C ILE A 91 -23.49 8.36 -16.48
N MET A 92 -23.51 7.05 -16.74
CA MET A 92 -22.32 6.18 -16.64
C MET A 92 -22.14 5.36 -17.90
N GLU A 93 -20.93 4.82 -18.06
CA GLU A 93 -20.55 3.89 -19.14
C GLU A 93 -21.40 2.62 -19.08
N LEU A 94 -21.97 2.20 -20.23
CA LEU A 94 -22.80 0.98 -20.27
C LEU A 94 -21.96 -0.32 -20.28
N CYS A 95 -22.39 -1.32 -19.45
CA CYS A 95 -21.82 -2.67 -19.36
C CYS A 95 -23.01 -3.55 -19.69
N THR A 96 -23.14 -3.82 -21.00
CA THR A 96 -24.26 -4.52 -21.66
C THR A 96 -24.68 -5.87 -21.02
N LEU A 97 -23.71 -6.71 -20.61
CA LEU A 97 -23.98 -8.04 -20.06
C LEU A 97 -24.44 -8.06 -18.57
N GLY A 98 -24.51 -6.87 -17.95
CA GLY A 98 -25.02 -6.68 -16.60
C GLY A 98 -24.16 -7.16 -15.44
N GLU A 99 -24.84 -7.51 -14.32
CA GLU A 99 -24.28 -7.98 -13.04
C GLU A 99 -23.46 -9.27 -13.20
N LEU A 100 -22.31 -9.38 -12.48
CA LEU A 100 -21.43 -10.55 -12.56
C LEU A 100 -22.04 -11.81 -11.98
N ARG A 101 -22.59 -11.71 -10.74
CA ARG A 101 -23.24 -12.81 -10.02
C ARG A 101 -24.26 -13.55 -10.94
N SER A 102 -25.13 -12.78 -11.64
CA SER A 102 -26.15 -13.29 -12.56
C SER A 102 -25.54 -13.95 -13.82
N PHE A 103 -24.55 -13.27 -14.44
CA PHE A 103 -23.81 -13.73 -15.61
C PHE A 103 -23.14 -15.10 -15.35
N LEU A 104 -22.52 -15.26 -14.17
CA LEU A 104 -21.86 -16.51 -13.76
C LEU A 104 -22.83 -17.66 -13.55
N GLN A 105 -24.01 -17.39 -12.94
CA GLN A 105 -25.05 -18.39 -12.65
C GLN A 105 -25.62 -18.96 -13.94
N VAL A 106 -25.89 -18.05 -14.90
CA VAL A 106 -26.42 -18.36 -16.23
C VAL A 106 -25.42 -19.23 -17.02
N ARG A 107 -24.15 -18.85 -17.04
CA ARG A 107 -23.09 -19.54 -17.79
C ARG A 107 -22.27 -20.55 -16.95
N LYS A 108 -22.92 -21.25 -15.99
CA LYS A 108 -22.34 -22.28 -15.11
C LYS A 108 -21.67 -23.42 -15.94
N TYR A 109 -22.23 -23.71 -17.13
CA TYR A 109 -21.73 -24.74 -18.04
C TYR A 109 -21.36 -24.09 -19.39
N SER A 110 -20.77 -22.88 -19.36
CA SER A 110 -20.39 -22.12 -20.56
C SER A 110 -19.11 -21.28 -20.39
N LEU A 111 -18.50 -21.30 -19.18
CA LEU A 111 -17.27 -20.59 -18.84
C LEU A 111 -16.18 -21.53 -18.36
N ASP A 112 -14.98 -21.36 -18.91
CA ASP A 112 -13.77 -22.12 -18.58
C ASP A 112 -13.09 -21.45 -17.38
N LEU A 113 -12.17 -22.20 -16.72
CA LEU A 113 -11.39 -21.73 -15.56
C LEU A 113 -10.52 -20.51 -15.90
N ALA A 114 -9.96 -20.46 -17.14
CA ALA A 114 -9.14 -19.36 -17.62
C ALA A 114 -9.90 -18.02 -17.58
N SER A 115 -11.20 -18.04 -17.94
CA SER A 115 -12.07 -16.86 -17.92
C SER A 115 -12.38 -16.44 -16.48
N LEU A 116 -12.54 -17.43 -15.59
CA LEU A 116 -12.82 -17.20 -14.16
C LEU A 116 -11.62 -16.53 -13.49
N ILE A 117 -10.39 -17.04 -13.76
CA ILE A 117 -9.15 -16.47 -13.22
C ILE A 117 -8.95 -15.06 -13.79
N LEU A 118 -9.27 -14.87 -15.09
CA LEU A 118 -9.20 -13.57 -15.77
C LEU A 118 -10.01 -12.49 -15.03
N TYR A 119 -11.27 -12.81 -14.62
CA TYR A 119 -12.13 -11.85 -13.92
C TYR A 119 -11.52 -11.43 -12.62
N ALA A 120 -10.97 -12.39 -11.84
CA ALA A 120 -10.29 -12.11 -10.57
C ALA A 120 -9.08 -11.18 -10.82
N TYR A 121 -8.28 -11.50 -11.87
CA TYR A 121 -7.12 -10.69 -12.24
C TYR A 121 -7.52 -9.25 -12.52
N GLN A 122 -8.53 -9.07 -13.37
CA GLN A 122 -9.04 -7.76 -13.77
C GLN A 122 -9.58 -7.00 -12.57
N LEU A 123 -10.23 -7.72 -11.65
CA LEU A 123 -10.77 -7.15 -10.43
C LEU A 123 -9.64 -6.67 -9.49
N SER A 124 -8.54 -7.47 -9.41
CA SER A 124 -7.35 -7.17 -8.61
C SER A 124 -6.61 -5.95 -9.16
N THR A 125 -6.70 -5.68 -10.48
CA THR A 125 -6.01 -4.51 -11.06
C THR A 125 -6.74 -3.22 -10.68
N ALA A 126 -8.09 -3.24 -10.70
CA ALA A 126 -8.93 -2.10 -10.31
C ALA A 126 -8.72 -1.78 -8.81
N LEU A 127 -8.73 -2.84 -7.97
CA LEU A 127 -8.51 -2.71 -6.53
C LEU A 127 -7.12 -2.22 -6.19
N ALA A 128 -6.12 -2.61 -6.99
CA ALA A 128 -4.75 -2.14 -6.77
C ALA A 128 -4.67 -0.63 -7.08
N TYR A 129 -5.39 -0.17 -8.14
CA TYR A 129 -5.48 1.24 -8.53
C TYR A 129 -6.12 2.05 -7.39
N LEU A 130 -7.22 1.51 -6.79
CA LEU A 130 -7.92 2.16 -5.67
C LEU A 130 -7.01 2.25 -4.44
N GLU A 131 -6.20 1.19 -4.19
CA GLU A 131 -5.25 1.12 -3.09
C GLU A 131 -4.18 2.21 -3.28
N SER A 132 -3.79 2.46 -4.54
CA SER A 132 -2.80 3.48 -4.91
C SER A 132 -3.33 4.91 -4.62
N LYS A 133 -4.66 5.11 -4.77
CA LYS A 133 -5.34 6.39 -4.51
C LYS A 133 -5.76 6.48 -3.03
N ARG A 134 -5.36 5.48 -2.22
CA ARG A 134 -5.67 5.36 -0.78
C ARG A 134 -7.18 5.36 -0.54
N PHE A 135 -7.92 4.62 -1.37
CA PHE A 135 -9.38 4.50 -1.31
C PHE A 135 -9.79 3.16 -0.74
N VAL A 136 -10.72 3.16 0.22
CA VAL A 136 -11.26 1.93 0.81
C VAL A 136 -12.69 1.77 0.29
N HIS A 137 -12.93 0.72 -0.52
CA HIS A 137 -14.22 0.43 -1.16
C HIS A 137 -15.32 0.09 -0.15
N ARG A 138 -14.99 -0.74 0.86
CA ARG A 138 -15.90 -1.21 1.92
C ARG A 138 -16.92 -2.27 1.44
N ASP A 139 -17.11 -2.50 0.10
CA ASP A 139 -18.07 -3.51 -0.35
C ASP A 139 -17.65 -4.30 -1.62
N ILE A 140 -16.66 -5.18 -1.45
CA ILE A 140 -16.18 -6.05 -2.52
C ILE A 140 -16.95 -7.40 -2.48
N ALA A 141 -17.78 -7.60 -3.51
CA ALA A 141 -18.66 -8.75 -3.73
C ALA A 141 -18.89 -8.87 -5.24
N ALA A 142 -19.21 -10.08 -5.74
CA ALA A 142 -19.46 -10.30 -7.18
C ALA A 142 -20.69 -9.52 -7.68
N ARG A 143 -21.66 -9.20 -6.78
CA ARG A 143 -22.86 -8.42 -7.07
C ARG A 143 -22.56 -6.96 -7.50
N ASN A 144 -21.45 -6.37 -7.01
CA ASN A 144 -21.06 -5.00 -7.38
C ASN A 144 -20.12 -4.94 -8.60
N VAL A 145 -19.92 -6.07 -9.27
CA VAL A 145 -19.09 -6.15 -10.47
C VAL A 145 -20.01 -6.25 -11.72
N LEU A 146 -19.72 -5.44 -12.76
CA LEU A 146 -20.44 -5.43 -14.02
C LEU A 146 -19.64 -6.08 -15.15
N VAL A 147 -20.33 -6.68 -16.11
CA VAL A 147 -19.72 -7.38 -17.24
C VAL A 147 -19.92 -6.55 -18.51
N SER A 148 -18.80 -6.06 -19.07
CA SER A 148 -18.77 -5.25 -20.28
C SER A 148 -18.84 -6.19 -21.50
N SER A 149 -17.95 -7.21 -21.53
CA SER A 149 -17.86 -8.24 -22.58
C SER A 149 -17.46 -9.58 -21.92
N ASN A 150 -17.37 -10.66 -22.72
CA ASN A 150 -16.98 -12.01 -22.26
C ASN A 150 -15.60 -12.02 -21.60
N ASP A 151 -14.72 -11.06 -21.96
CA ASP A 151 -13.38 -10.97 -21.42
C ASP A 151 -13.05 -9.58 -20.85
N CYS A 152 -14.05 -8.91 -20.23
CA CYS A 152 -13.87 -7.58 -19.63
C CYS A 152 -14.92 -7.31 -18.57
N VAL A 153 -14.46 -7.12 -17.33
CA VAL A 153 -15.33 -6.81 -16.20
C VAL A 153 -14.97 -5.44 -15.61
N LYS A 154 -15.98 -4.74 -15.08
CA LYS A 154 -15.88 -3.40 -14.51
C LYS A 154 -16.34 -3.36 -13.03
N LEU A 155 -15.69 -2.54 -12.22
CA LEU A 155 -16.04 -2.35 -10.81
C LEU A 155 -17.10 -1.24 -10.72
N GLY A 156 -18.21 -1.51 -10.06
CA GLY A 156 -19.28 -0.54 -9.85
C GLY A 156 -19.57 -0.31 -8.38
N ASP A 157 -20.73 0.33 -8.08
CA ASP A 157 -21.25 0.67 -6.74
C ASP A 157 -20.33 1.48 -5.78
N PHE A 158 -20.23 2.78 -6.05
CA PHE A 158 -19.42 3.67 -5.23
C PHE A 158 -20.20 4.63 -4.34
N GLY A 159 -21.14 4.05 -3.59
CA GLY A 159 -22.00 4.77 -2.66
C GLY A 159 -22.29 4.00 -1.39
N LEU A 177 -26.55 -5.58 5.58
CA LEU A 177 -25.14 -5.53 5.96
C LEU A 177 -24.40 -6.83 5.52
N PRO A 178 -23.37 -6.75 4.63
CA PRO A 178 -22.76 -7.99 4.09
C PRO A 178 -21.80 -8.71 5.04
N ILE A 179 -22.32 -9.21 6.15
CA ILE A 179 -21.59 -9.93 7.21
C ILE A 179 -20.72 -11.08 6.69
N LYS A 180 -21.23 -11.87 5.72
CA LYS A 180 -20.54 -13.04 5.14
C LYS A 180 -19.36 -12.67 4.22
N TRP A 181 -19.22 -11.39 3.85
CA TRP A 181 -18.10 -10.90 3.02
C TRP A 181 -17.09 -10.12 3.85
N MET A 182 -17.51 -9.56 5.00
CA MET A 182 -16.70 -8.75 5.91
C MET A 182 -15.62 -9.49 6.67
N ALA A 183 -14.50 -8.80 6.93
CA ALA A 183 -13.35 -9.29 7.71
C ALA A 183 -13.75 -9.24 9.21
N PRO A 184 -13.21 -10.12 10.09
CA PRO A 184 -13.66 -10.11 11.51
C PRO A 184 -13.63 -8.76 12.24
N GLU A 185 -12.64 -7.91 11.97
CA GLU A 185 -12.52 -6.58 12.60
C GLU A 185 -13.61 -5.59 12.14
N SER A 186 -14.18 -5.81 10.94
CA SER A 186 -15.27 -4.97 10.42
C SER A 186 -16.57 -5.34 11.13
N ILE A 187 -16.80 -6.65 11.35
CA ILE A 187 -17.96 -7.18 12.07
C ILE A 187 -17.90 -6.71 13.55
N ASN A 188 -16.77 -6.99 14.23
CA ASN A 188 -16.54 -6.70 15.65
C ASN A 188 -16.34 -5.24 16.01
N PHE A 189 -15.68 -4.45 15.14
CA PHE A 189 -15.39 -3.05 15.47
C PHE A 189 -15.69 -2.01 14.41
N ARG A 190 -16.38 -2.36 13.30
CA ARG A 190 -16.68 -1.43 12.20
C ARG A 190 -15.39 -0.82 11.58
N ARG A 191 -14.26 -1.53 11.68
CA ARG A 191 -12.96 -1.12 11.18
C ARG A 191 -12.82 -1.50 9.70
N PHE A 192 -12.68 -0.49 8.81
CA PHE A 192 -12.51 -0.69 7.37
C PHE A 192 -11.22 -0.08 6.87
N THR A 193 -10.33 -0.95 6.42
CA THR A 193 -8.98 -0.60 5.94
C THR A 193 -8.69 -1.32 4.62
N SER A 194 -7.45 -1.16 4.14
CA SER A 194 -6.99 -1.82 2.92
C SER A 194 -6.93 -3.34 3.15
N ALA A 195 -6.65 -3.79 4.41
CA ALA A 195 -6.57 -5.19 4.79
C ALA A 195 -7.92 -5.88 4.80
N SER A 196 -8.98 -5.15 5.16
CA SER A 196 -10.35 -5.65 5.19
C SER A 196 -10.87 -5.82 3.75
N ASP A 197 -10.43 -4.92 2.85
CA ASP A 197 -10.76 -4.98 1.43
C ASP A 197 -10.16 -6.24 0.80
N VAL A 198 -8.94 -6.64 1.23
CA VAL A 198 -8.25 -7.86 0.82
C VAL A 198 -9.09 -9.10 1.20
N TRP A 199 -9.57 -9.16 2.45
CA TRP A 199 -10.43 -10.25 2.93
C TRP A 199 -11.63 -10.39 1.98
N MET A 200 -12.34 -9.26 1.72
CA MET A 200 -13.50 -9.18 0.84
C MET A 200 -13.21 -9.67 -0.57
N PHE A 201 -12.04 -9.31 -1.13
CA PHE A 201 -11.60 -9.77 -2.45
C PHE A 201 -11.44 -11.29 -2.48
N GLY A 202 -10.98 -11.85 -1.35
CA GLY A 202 -10.81 -13.29 -1.16
C GLY A 202 -12.13 -14.04 -1.29
N VAL A 203 -13.17 -13.49 -0.64
CA VAL A 203 -14.54 -14.03 -0.65
C VAL A 203 -15.10 -13.90 -2.06
N CYS A 204 -14.78 -12.78 -2.74
CA CYS A 204 -15.23 -12.51 -4.09
C CYS A 204 -14.64 -13.51 -5.10
N MET A 205 -13.35 -13.88 -4.92
CA MET A 205 -12.68 -14.88 -5.77
C MET A 205 -13.31 -16.24 -5.56
N TRP A 206 -13.79 -16.53 -4.34
CA TRP A 206 -14.45 -17.78 -4.00
C TRP A 206 -15.79 -17.87 -4.76
N GLU A 207 -16.60 -16.79 -4.70
CA GLU A 207 -17.88 -16.64 -5.40
C GLU A 207 -17.73 -16.85 -6.91
N ILE A 208 -16.67 -16.27 -7.53
CA ILE A 208 -16.39 -16.38 -8.96
C ILE A 208 -16.19 -17.87 -9.35
N LEU A 209 -15.36 -18.59 -8.59
CA LEU A 209 -15.10 -20.02 -8.83
C LEU A 209 -16.29 -20.90 -8.46
N MET A 210 -17.15 -20.42 -7.55
CA MET A 210 -18.36 -21.11 -7.12
C MET A 210 -19.57 -20.79 -8.02
N HIS A 211 -19.31 -20.12 -9.18
CA HIS A 211 -20.26 -19.71 -10.23
C HIS A 211 -21.43 -18.89 -9.69
N GLY A 212 -21.10 -17.91 -8.85
CA GLY A 212 -22.04 -16.98 -8.25
C GLY A 212 -22.89 -17.49 -7.11
N VAL A 213 -22.39 -18.48 -6.35
CA VAL A 213 -23.06 -19.03 -5.17
C VAL A 213 -22.65 -18.18 -3.97
N LYS A 214 -23.63 -17.78 -3.14
CA LYS A 214 -23.41 -16.97 -1.95
C LYS A 214 -22.58 -17.69 -0.88
N PRO A 215 -21.67 -16.98 -0.18
CA PRO A 215 -20.89 -17.63 0.88
C PRO A 215 -21.71 -17.90 2.14
N PHE A 216 -21.42 -19.02 2.86
CA PHE A 216 -22.09 -19.41 4.10
C PHE A 216 -23.61 -19.50 3.95
N GLN A 217 -24.08 -20.45 3.15
CA GLN A 217 -25.52 -20.64 2.97
C GLN A 217 -26.08 -21.42 4.13
N GLY A 218 -27.21 -20.94 4.65
CA GLY A 218 -27.88 -21.58 5.77
C GLY A 218 -27.15 -21.40 7.09
N VAL A 219 -26.34 -20.32 7.19
CA VAL A 219 -25.59 -19.88 8.38
C VAL A 219 -26.14 -18.49 8.71
N LYS A 220 -26.62 -18.27 9.95
CA LYS A 220 -27.16 -16.98 10.37
C LYS A 220 -26.01 -15.99 10.54
N ASN A 221 -26.21 -14.72 10.12
CA ASN A 221 -25.20 -13.65 10.19
C ASN A 221 -24.48 -13.56 11.54
N ASN A 222 -25.23 -13.68 12.65
CA ASN A 222 -24.70 -13.62 14.01
C ASN A 222 -23.79 -14.82 14.35
N ASP A 223 -23.98 -15.96 13.64
CA ASP A 223 -23.21 -17.19 13.85
C ASP A 223 -21.92 -17.26 13.00
N VAL A 224 -21.78 -16.34 12.02
CA VAL A 224 -20.66 -16.23 11.08
C VAL A 224 -19.36 -15.87 11.80
N ILE A 225 -19.38 -14.79 12.61
CA ILE A 225 -18.22 -14.31 13.37
C ILE A 225 -17.68 -15.42 14.30
N GLY A 226 -18.59 -16.15 14.96
CA GLY A 226 -18.24 -17.26 15.85
C GLY A 226 -17.43 -18.32 15.13
N ARG A 227 -17.80 -18.62 13.87
CA ARG A 227 -17.13 -19.59 13.02
C ARG A 227 -15.74 -19.11 12.61
N ILE A 228 -15.64 -17.85 12.11
CA ILE A 228 -14.38 -17.22 11.68
C ILE A 228 -13.36 -17.21 12.83
N GLU A 229 -13.81 -16.82 14.04
CA GLU A 229 -12.98 -16.78 15.25
C GLU A 229 -12.47 -18.16 15.67
N ASN A 230 -13.21 -19.24 15.31
CA ASN A 230 -12.84 -20.64 15.57
C ASN A 230 -11.93 -21.22 14.48
N GLY A 231 -11.49 -20.36 13.56
CA GLY A 231 -10.59 -20.73 12.47
C GLY A 231 -11.23 -21.35 11.26
N GLU A 232 -12.58 -21.39 11.21
CA GLU A 232 -13.36 -21.96 10.11
C GLU A 232 -13.30 -21.02 8.89
N ARG A 233 -13.15 -21.59 7.69
CA ARG A 233 -13.07 -20.85 6.43
C ARG A 233 -13.92 -21.50 5.33
N LEU A 234 -14.10 -20.80 4.20
CA LEU A 234 -14.87 -21.29 3.05
C LEU A 234 -14.09 -22.42 2.36
N PRO A 235 -14.77 -23.55 2.01
CA PRO A 235 -14.03 -24.69 1.43
C PRO A 235 -13.43 -24.40 0.05
N MET A 236 -12.46 -25.24 -0.38
CA MET A 236 -11.86 -25.09 -1.69
C MET A 236 -12.90 -25.47 -2.75
N PRO A 237 -13.27 -24.54 -3.67
CA PRO A 237 -14.26 -24.87 -4.71
C PRO A 237 -13.87 -26.10 -5.56
N PRO A 238 -14.84 -26.88 -6.10
CA PRO A 238 -14.45 -28.03 -6.93
C PRO A 238 -13.71 -27.60 -8.21
N ASN A 239 -12.65 -28.35 -8.59
CA ASN A 239 -11.79 -28.10 -9.76
C ASN A 239 -11.19 -26.67 -9.80
N CYS A 240 -10.75 -26.20 -8.61
CA CYS A 240 -10.07 -24.92 -8.39
C CYS A 240 -8.57 -25.25 -8.19
N PRO A 241 -7.65 -24.46 -8.80
CA PRO A 241 -6.22 -24.75 -8.62
C PRO A 241 -5.83 -24.59 -7.15
N PRO A 242 -5.17 -25.59 -6.51
CA PRO A 242 -4.82 -25.45 -5.09
C PRO A 242 -3.93 -24.25 -4.79
N THR A 243 -3.23 -23.73 -5.83
CA THR A 243 -2.36 -22.56 -5.76
C THR A 243 -3.20 -21.29 -5.60
N LEU A 244 -4.38 -21.27 -6.23
CA LEU A 244 -5.33 -20.15 -6.20
C LEU A 244 -6.06 -20.14 -4.85
N TYR A 245 -6.37 -21.34 -4.30
CA TYR A 245 -7.01 -21.46 -3.00
C TYR A 245 -6.01 -21.08 -1.91
N SER A 246 -4.71 -21.35 -2.15
CA SER A 246 -3.60 -21.00 -1.27
C SER A 246 -3.53 -19.47 -1.12
N LEU A 247 -3.85 -18.76 -2.21
CA LEU A 247 -3.87 -17.30 -2.29
C LEU A 247 -5.06 -16.72 -1.47
N MET A 248 -6.27 -17.32 -1.58
CA MET A 248 -7.45 -16.88 -0.84
C MET A 248 -7.25 -17.02 0.67
N THR A 249 -6.61 -18.12 1.10
CA THR A 249 -6.35 -18.41 2.51
C THR A 249 -5.41 -17.37 3.12
N LYS A 250 -4.58 -16.71 2.27
CA LYS A 250 -3.68 -15.64 2.69
C LYS A 250 -4.50 -14.36 2.97
N CYS A 251 -5.56 -14.12 2.17
CA CYS A 251 -6.51 -13.01 2.30
C CYS A 251 -7.36 -13.18 3.56
N TRP A 252 -7.52 -14.44 4.03
CA TRP A 252 -8.36 -14.77 5.18
C TRP A 252 -7.59 -14.98 6.48
N ALA A 253 -6.40 -14.37 6.60
CA ALA A 253 -5.64 -14.40 7.85
C ALA A 253 -6.43 -13.57 8.87
N TYR A 254 -6.59 -14.07 10.11
CA TYR A 254 -7.33 -13.34 11.14
C TYR A 254 -6.70 -11.96 11.39
N ASP A 255 -5.37 -11.93 11.58
CA ASP A 255 -4.60 -10.70 11.81
C ASP A 255 -4.50 -9.89 10.50
N PRO A 256 -5.05 -8.66 10.45
CA PRO A 256 -4.97 -7.86 9.21
C PRO A 256 -3.55 -7.63 8.68
N SER A 257 -2.59 -7.36 9.58
CA SER A 257 -1.17 -7.10 9.24
C SER A 257 -0.49 -8.26 8.51
N ARG A 258 -1.07 -9.48 8.58
CA ARG A 258 -0.55 -10.69 7.93
C ARG A 258 -1.10 -10.86 6.49
N ARG A 259 -2.20 -10.16 6.13
CA ARG A 259 -2.83 -10.24 4.81
C ARG A 259 -1.99 -9.56 3.70
N PRO A 260 -1.96 -10.12 2.47
CA PRO A 260 -1.16 -9.48 1.40
C PRO A 260 -1.78 -8.19 0.88
N ARG A 261 -1.03 -7.38 0.14
CA ARG A 261 -1.57 -6.18 -0.49
C ARG A 261 -1.98 -6.50 -1.95
N PHE A 262 -2.79 -5.63 -2.57
CA PHE A 262 -3.29 -5.86 -3.93
C PHE A 262 -2.21 -5.94 -5.00
N THR A 263 -1.09 -5.23 -4.82
CA THR A 263 0.02 -5.26 -5.77
C THR A 263 0.65 -6.69 -5.82
N GLU A 264 0.63 -7.44 -4.71
CA GLU A 264 1.14 -8.81 -4.63
C GLU A 264 0.15 -9.80 -5.23
N LEU A 265 -1.14 -9.66 -4.86
CA LEU A 265 -2.23 -10.51 -5.34
C LEU A 265 -2.32 -10.46 -6.85
N LYS A 266 -2.27 -9.24 -7.44
CA LYS A 266 -2.33 -8.99 -8.89
C LYS A 266 -1.20 -9.75 -9.60
N ALA A 267 0.05 -9.64 -9.06
CA ALA A 267 1.24 -10.32 -9.57
C ALA A 267 1.09 -11.83 -9.49
N GLN A 268 0.50 -12.35 -8.39
CA GLN A 268 0.26 -13.78 -8.18
C GLN A 268 -0.82 -14.31 -9.12
N LEU A 269 -1.95 -13.60 -9.26
CA LEU A 269 -3.07 -13.94 -10.15
C LEU A 269 -2.63 -13.99 -11.61
N SER A 270 -1.75 -13.06 -12.02
CA SER A 270 -1.16 -12.99 -13.35
C SER A 270 -0.41 -14.29 -13.70
N THR A 271 0.40 -14.83 -12.77
CA THR A 271 1.13 -16.08 -13.01
C THR A 271 0.19 -17.27 -13.09
N ILE A 272 -0.78 -17.37 -12.15
CA ILE A 272 -1.80 -18.44 -12.12
C ILE A 272 -2.58 -18.49 -13.46
N LEU A 273 -2.93 -17.29 -14.00
CA LEU A 273 -3.66 -17.13 -15.25
C LEU A 273 -2.91 -17.64 -16.45
N GLU A 274 -1.59 -17.34 -16.52
CA GLU A 274 -0.74 -17.78 -17.62
C GLU A 274 -0.54 -19.30 -17.59
N GLU A 275 -0.41 -19.88 -16.37
CA GLU A 275 -0.29 -21.33 -16.14
C GLU A 275 -1.57 -22.10 -16.60
N GLU A 276 -2.68 -21.36 -16.80
CA GLU A 276 -3.97 -21.89 -17.26
C GLU A 276 -4.24 -21.42 -18.69
N ASP B 7 19.51 -21.23 15.60
CA ASP B 7 19.43 -20.69 14.24
C ASP B 7 20.05 -19.27 14.15
N TYR B 8 19.60 -18.37 15.04
CA TYR B 8 20.06 -16.99 15.14
C TYR B 8 21.20 -16.88 16.14
N GLU B 9 21.35 -17.85 17.06
CA GLU B 9 22.41 -17.86 18.07
C GLU B 9 23.77 -18.20 17.45
N ILE B 10 24.73 -17.27 17.52
CA ILE B 10 26.10 -17.41 16.99
C ILE B 10 27.12 -17.69 18.10
N GLN B 11 28.15 -18.50 17.79
CA GLN B 11 29.24 -18.83 18.69
C GLN B 11 30.20 -17.64 18.72
N ARG B 12 30.47 -17.09 19.92
CA ARG B 12 31.34 -15.93 20.08
C ARG B 12 32.75 -16.12 19.52
N GLU B 13 33.28 -17.36 19.55
CA GLU B 13 34.64 -17.66 19.04
C GLU B 13 34.75 -17.52 17.52
N ARG B 14 33.63 -17.49 16.80
CA ARG B 14 33.59 -17.31 15.34
C ARG B 14 33.73 -15.81 14.99
N ILE B 15 33.42 -14.93 15.97
CA ILE B 15 33.51 -13.48 15.83
C ILE B 15 34.83 -13.00 16.38
N GLU B 16 35.48 -12.15 15.60
CA GLU B 16 36.72 -11.47 15.92
C GLU B 16 36.37 -9.97 15.89
N LEU B 17 36.35 -9.33 17.06
CA LEU B 17 36.02 -7.91 17.21
C LEU B 17 37.14 -7.01 16.67
N GLY B 18 36.74 -5.96 15.95
CA GLY B 18 37.65 -4.99 15.36
C GLY B 18 37.44 -3.59 15.91
N ARG B 19 37.74 -2.58 15.07
CA ARG B 19 37.63 -1.17 15.45
C ARG B 19 36.19 -0.67 15.61
N CYS B 20 36.01 0.32 16.50
CA CYS B 20 34.74 0.97 16.75
C CYS B 20 34.42 1.86 15.54
N ILE B 21 33.28 1.58 14.87
CA ILE B 21 32.87 2.29 13.65
C ILE B 21 31.75 3.32 13.91
N GLY B 22 31.12 3.25 15.07
CA GLY B 22 30.06 4.17 15.43
C GLY B 22 29.59 4.05 16.86
N GLU B 23 28.62 4.89 17.21
CA GLU B 23 28.01 4.87 18.52
C GLU B 23 26.53 4.62 18.32
N GLY B 24 25.98 3.76 19.15
CA GLY B 24 24.58 3.37 19.12
C GLY B 24 23.84 3.75 20.36
N GLN B 25 22.54 3.40 20.40
CA GLN B 25 21.63 3.68 21.49
C GLN B 25 22.02 2.97 22.81
N PHE B 26 22.44 1.69 22.74
CA PHE B 26 22.76 0.86 23.91
C PHE B 26 24.24 0.66 24.21
N GLY B 27 25.08 1.02 23.24
CA GLY B 27 26.52 0.87 23.33
C GLY B 27 27.24 1.27 22.07
N ASP B 28 28.45 0.72 21.88
CA ASP B 28 29.30 1.02 20.73
C ASP B 28 29.17 0.03 19.61
N VAL B 29 29.09 0.53 18.37
CA VAL B 29 29.05 -0.34 17.20
C VAL B 29 30.50 -0.55 16.74
N HIS B 30 30.86 -1.82 16.49
CA HIS B 30 32.19 -2.20 16.04
C HIS B 30 32.13 -2.90 14.70
N GLN B 31 33.25 -2.93 13.97
CA GLN B 31 33.34 -3.73 12.76
C GLN B 31 34.06 -5.01 13.18
N GLY B 32 33.87 -6.09 12.44
CA GLY B 32 34.48 -7.37 12.79
C GLY B 32 34.48 -8.40 11.69
N ILE B 33 34.89 -9.61 12.05
CA ILE B 33 34.99 -10.75 11.15
C ILE B 33 34.21 -11.92 11.74
N TYR B 34 33.42 -12.60 10.89
CA TYR B 34 32.65 -13.79 11.22
C TYR B 34 33.17 -14.93 10.35
N MET B 35 33.85 -15.88 10.99
CA MET B 35 34.46 -17.06 10.38
C MET B 35 33.50 -18.25 10.48
N SER B 36 32.61 -18.37 9.47
CA SER B 36 31.58 -19.41 9.35
C SER B 36 32.09 -20.58 8.48
N PRO B 37 31.39 -21.74 8.35
CA PRO B 37 31.91 -22.82 7.48
C PRO B 37 32.00 -22.42 6.00
N GLU B 38 31.08 -21.54 5.53
CA GLU B 38 31.00 -21.02 4.16
C GLU B 38 32.11 -20.03 3.75
N ASN B 39 32.06 -18.79 4.29
CA ASN B 39 33.01 -17.71 4.00
C ASN B 39 34.17 -17.72 5.01
N PRO B 40 35.44 -17.68 4.52
CA PRO B 40 36.61 -17.68 5.43
C PRO B 40 36.66 -16.51 6.43
N ALA B 41 36.17 -15.32 6.01
CA ALA B 41 36.16 -14.11 6.81
C ALA B 41 35.13 -13.08 6.31
N LEU B 42 33.87 -13.17 6.77
CA LEU B 42 32.84 -12.20 6.38
C LEU B 42 32.93 -10.95 7.26
N ALA B 43 32.97 -9.76 6.64
CA ALA B 43 33.02 -8.49 7.36
C ALA B 43 31.65 -8.22 7.95
N VAL B 44 31.60 -7.96 9.27
CA VAL B 44 30.36 -7.75 9.99
C VAL B 44 30.41 -6.48 10.81
N ALA B 45 29.24 -6.06 11.31
CA ALA B 45 29.05 -4.96 12.25
C ALA B 45 28.48 -5.59 13.53
N ILE B 46 29.09 -5.28 14.68
CA ILE B 46 28.70 -5.81 15.98
C ILE B 46 28.13 -4.69 16.84
N LYS B 47 26.81 -4.71 17.07
CA LYS B 47 26.14 -3.76 17.95
C LYS B 47 26.32 -4.29 19.38
N THR B 48 26.90 -3.49 20.27
CA THR B 48 27.14 -3.91 21.64
C THR B 48 26.17 -3.22 22.60
N CYS B 49 26.06 -3.79 23.82
CA CYS B 49 25.15 -3.29 24.83
C CYS B 49 25.86 -3.17 26.19
N LYS B 50 26.05 -1.91 26.62
CA LYS B 50 26.77 -1.52 27.84
C LYS B 50 26.20 -2.09 29.12
N ASN B 51 24.91 -1.81 29.40
CA ASN B 51 24.24 -2.21 30.63
C ASN B 51 23.20 -3.30 30.33
N CYS B 52 23.67 -4.41 29.75
CA CYS B 52 22.80 -5.50 29.38
C CYS B 52 22.79 -6.66 30.39
N THR B 53 23.23 -6.39 31.63
CA THR B 53 23.19 -7.35 32.74
C THR B 53 21.77 -7.29 33.31
N SER B 54 21.08 -6.16 33.05
CA SER B 54 19.68 -5.87 33.37
C SER B 54 18.84 -6.47 32.25
N ASP B 55 17.93 -7.39 32.59
CA ASP B 55 17.09 -8.07 31.60
C ASP B 55 16.10 -7.13 30.88
N SER B 56 15.71 -6.01 31.52
CA SER B 56 14.80 -5.02 30.93
C SER B 56 15.46 -4.31 29.73
N VAL B 57 16.75 -3.92 29.87
CA VAL B 57 17.57 -3.28 28.83
C VAL B 57 17.80 -4.33 27.71
N ARG B 58 18.17 -5.57 28.12
CA ARG B 58 18.43 -6.72 27.25
C ARG B 58 17.24 -6.95 26.30
N GLU B 59 16.02 -7.08 26.88
CA GLU B 59 14.75 -7.28 26.17
C GLU B 59 14.52 -6.17 25.12
N LYS B 60 14.79 -4.91 25.51
CA LYS B 60 14.65 -3.74 24.64
C LYS B 60 15.66 -3.80 23.49
N PHE B 61 16.93 -4.13 23.79
CA PHE B 61 18.02 -4.23 22.81
C PHE B 61 17.78 -5.36 21.79
N LEU B 62 17.42 -6.56 22.29
CA LEU B 62 17.18 -7.74 21.47
C LEU B 62 15.92 -7.65 20.62
N GLN B 63 15.04 -6.67 20.94
CA GLN B 63 13.80 -6.42 20.20
C GLN B 63 14.12 -6.02 18.75
N GLU B 64 15.22 -5.29 18.49
CA GLU B 64 15.62 -4.93 17.12
C GLU B 64 15.82 -6.22 16.30
N ALA B 65 16.57 -7.20 16.85
CA ALA B 65 16.87 -8.48 16.20
C ALA B 65 15.60 -9.28 15.91
N LEU B 66 14.59 -9.17 16.80
CA LEU B 66 13.28 -9.84 16.66
C LEU B 66 12.52 -9.26 15.46
N THR B 67 12.61 -7.93 15.25
CA THR B 67 11.99 -7.26 14.12
C THR B 67 12.77 -7.61 12.85
N MET B 68 14.09 -7.42 12.89
CA MET B 68 15.04 -7.64 11.81
C MET B 68 14.93 -8.98 11.07
N ARG B 69 14.77 -10.10 11.80
CA ARG B 69 14.71 -11.43 11.19
C ARG B 69 13.57 -11.61 10.17
N GLN B 70 12.43 -10.88 10.35
CA GLN B 70 11.24 -10.91 9.49
C GLN B 70 11.53 -10.48 8.04
N PHE B 71 12.50 -9.53 7.86
CA PHE B 71 12.78 -8.96 6.54
C PHE B 71 13.97 -9.57 5.85
N ASP B 72 13.89 -9.61 4.52
CA ASP B 72 14.90 -10.10 3.59
C ASP B 72 14.75 -9.28 2.33
N HIS B 73 15.62 -8.28 2.17
CA HIS B 73 15.60 -7.40 1.02
C HIS B 73 17.01 -6.88 0.72
N PRO B 74 17.39 -6.74 -0.58
CA PRO B 74 18.73 -6.23 -0.92
C PRO B 74 19.10 -4.85 -0.35
N HIS B 75 18.09 -3.98 -0.07
CA HIS B 75 18.35 -2.63 0.43
C HIS B 75 17.90 -2.40 1.87
N ILE B 76 17.96 -3.47 2.67
CA ILE B 76 17.65 -3.47 4.10
C ILE B 76 18.82 -4.22 4.77
N VAL B 77 19.34 -3.68 5.88
CA VAL B 77 20.47 -4.30 6.61
C VAL B 77 20.07 -5.70 7.05
N LYS B 78 20.89 -6.71 6.74
CA LYS B 78 20.64 -8.11 7.09
C LYS B 78 21.19 -8.45 8.47
N LEU B 79 20.38 -9.15 9.27
CA LEU B 79 20.76 -9.66 10.59
C LEU B 79 21.44 -11.02 10.37
N ILE B 80 22.70 -11.13 10.79
CA ILE B 80 23.47 -12.35 10.65
C ILE B 80 23.25 -13.26 11.84
N GLY B 81 23.18 -12.67 13.03
CA GLY B 81 22.94 -13.42 14.25
C GLY B 81 22.95 -12.62 15.52
N VAL B 82 22.87 -13.32 16.64
CA VAL B 82 22.84 -12.74 17.97
C VAL B 82 23.68 -13.59 18.94
N ILE B 83 24.21 -12.96 19.99
CA ILE B 83 24.96 -13.61 21.06
C ILE B 83 24.25 -13.13 22.32
N THR B 84 23.42 -14.00 22.93
CA THR B 84 22.60 -13.64 24.08
C THR B 84 23.32 -13.81 25.41
N GLU B 85 24.49 -14.50 25.44
CA GLU B 85 25.28 -14.62 26.67
C GLU B 85 26.00 -13.28 26.89
N ASN B 86 26.19 -12.86 28.15
CA ASN B 86 26.87 -11.57 28.45
C ASN B 86 28.39 -11.59 28.13
N PRO B 87 28.94 -10.58 27.41
CA PRO B 87 28.29 -9.38 26.83
C PRO B 87 27.44 -9.64 25.59
N VAL B 88 26.19 -9.16 25.61
CA VAL B 88 25.21 -9.33 24.52
C VAL B 88 25.59 -8.56 23.25
N TRP B 89 25.63 -9.25 22.10
CA TRP B 89 25.96 -8.68 20.80
C TRP B 89 24.90 -8.99 19.74
N ILE B 90 24.73 -8.08 18.77
CA ILE B 90 23.85 -8.23 17.61
C ILE B 90 24.75 -8.13 16.37
N ILE B 91 24.85 -9.21 15.60
CA ILE B 91 25.70 -9.31 14.42
C ILE B 91 24.90 -8.96 13.18
N MET B 92 25.35 -7.92 12.45
CA MET B 92 24.69 -7.44 11.23
C MET B 92 25.68 -7.33 10.11
N GLU B 93 25.19 -7.33 8.86
CA GLU B 93 26.02 -7.15 7.68
C GLU B 93 26.60 -5.74 7.72
N LEU B 94 27.88 -5.64 7.38
CA LEU B 94 28.63 -4.38 7.41
C LEU B 94 28.35 -3.56 6.15
N CYS B 95 28.24 -2.24 6.32
CA CYS B 95 28.09 -1.24 5.28
C CYS B 95 29.30 -0.35 5.52
N THR B 96 30.40 -0.70 4.84
CA THR B 96 31.76 -0.14 4.99
C THR B 96 31.86 1.39 4.93
N LEU B 97 31.10 2.03 4.00
CA LEU B 97 31.17 3.47 3.80
C LEU B 97 30.38 4.32 4.84
N GLY B 98 29.71 3.65 5.78
CA GLY B 98 28.99 4.26 6.89
C GLY B 98 27.69 4.98 6.61
N GLU B 99 27.37 5.97 7.47
CA GLU B 99 26.17 6.83 7.46
C GLU B 99 26.04 7.59 6.13
N LEU B 100 24.79 7.72 5.61
CA LEU B 100 24.53 8.43 4.34
C LEU B 100 24.79 9.93 4.43
N ARG B 101 24.30 10.59 5.51
CA ARG B 101 24.47 12.02 5.77
C ARG B 101 25.91 12.44 5.62
N SER B 102 26.79 11.71 6.30
CA SER B 102 28.23 11.95 6.33
C SER B 102 28.86 11.75 4.95
N PHE B 103 28.52 10.63 4.29
CA PHE B 103 29.00 10.26 2.96
C PHE B 103 28.68 11.33 1.92
N LEU B 104 27.44 11.87 1.95
CA LEU B 104 26.97 12.92 1.05
C LEU B 104 27.68 14.24 1.27
N GLN B 105 27.93 14.58 2.55
CA GLN B 105 28.62 15.83 2.92
C GLN B 105 30.01 15.81 2.33
N VAL B 106 30.75 14.74 2.61
CA VAL B 106 32.13 14.49 2.14
C VAL B 106 32.23 14.52 0.60
N ARG B 107 31.28 13.85 -0.08
CA ARG B 107 31.28 13.70 -1.53
C ARG B 107 30.40 14.72 -2.28
N LYS B 108 30.10 15.89 -1.65
CA LYS B 108 29.28 16.96 -2.22
C LYS B 108 29.69 17.33 -3.64
N TYR B 109 30.98 17.60 -3.86
CA TYR B 109 31.48 18.01 -5.17
C TYR B 109 32.09 16.86 -5.98
N SER B 110 31.53 15.67 -5.89
CA SER B 110 31.99 14.50 -6.65
C SER B 110 30.77 13.74 -7.16
N LEU B 111 29.77 13.50 -6.29
CA LEU B 111 28.55 12.80 -6.69
C LEU B 111 27.68 13.54 -7.71
N ASP B 112 27.29 12.82 -8.76
CA ASP B 112 26.41 13.31 -9.82
C ASP B 112 24.96 13.10 -9.41
N LEU B 113 24.02 13.80 -10.09
CA LEU B 113 22.58 13.74 -9.86
C LEU B 113 22.01 12.32 -10.05
N ALA B 114 22.56 11.57 -11.05
CA ALA B 114 22.17 10.19 -11.35
C ALA B 114 22.36 9.27 -10.13
N SER B 115 23.46 9.45 -9.37
CA SER B 115 23.77 8.68 -8.16
C SER B 115 22.83 9.07 -7.03
N LEU B 116 22.46 10.38 -6.96
CA LEU B 116 21.55 10.89 -5.94
C LEU B 116 20.15 10.31 -6.14
N ILE B 117 19.66 10.31 -7.41
CA ILE B 117 18.36 9.75 -7.76
C ILE B 117 18.36 8.22 -7.51
N LEU B 118 19.51 7.54 -7.82
CA LEU B 118 19.71 6.12 -7.56
C LEU B 118 19.46 5.75 -6.09
N TYR B 119 20.02 6.55 -5.14
CA TYR B 119 19.85 6.28 -3.70
C TYR B 119 18.40 6.36 -3.30
N ALA B 120 17.67 7.38 -3.79
CA ALA B 120 16.25 7.53 -3.52
C ALA B 120 15.49 6.32 -4.07
N TYR B 121 15.80 5.90 -5.32
CA TYR B 121 15.18 4.74 -5.95
C TYR B 121 15.34 3.49 -5.08
N GLN B 122 16.58 3.22 -4.65
CA GLN B 122 16.94 2.07 -3.84
C GLN B 122 16.20 2.11 -2.52
N LEU B 123 16.06 3.31 -1.93
CA LEU B 123 15.34 3.45 -0.68
C LEU B 123 13.87 3.17 -0.87
N SER B 124 13.29 3.68 -1.99
CA SER B 124 11.88 3.48 -2.33
C SER B 124 11.57 1.98 -2.56
N THR B 125 12.56 1.16 -2.97
CA THR B 125 12.33 -0.28 -3.18
C THR B 125 12.23 -1.00 -1.83
N ALA B 126 13.08 -0.62 -0.87
CA ALA B 126 13.09 -1.18 0.50
C ALA B 126 11.77 -0.82 1.20
N LEU B 127 11.36 0.45 1.09
CA LEU B 127 10.12 0.96 1.68
C LEU B 127 8.88 0.33 1.05
N ALA B 128 8.94 0.01 -0.25
CA ALA B 128 7.83 -0.65 -0.92
C ALA B 128 7.70 -2.09 -0.39
N TYR B 129 8.84 -2.77 -0.13
CA TYR B 129 8.90 -4.13 0.44
C TYR B 129 8.28 -4.11 1.84
N LEU B 130 8.64 -3.10 2.68
CA LEU B 130 8.07 -2.93 4.03
C LEU B 130 6.56 -2.68 3.98
N GLU B 131 6.09 -1.90 2.98
CA GLU B 131 4.67 -1.59 2.75
C GLU B 131 3.92 -2.89 2.39
N SER B 132 4.57 -3.78 1.62
CA SER B 132 4.03 -5.08 1.24
C SER B 132 3.85 -6.01 2.47
N LYS B 133 4.73 -5.88 3.48
CA LYS B 133 4.68 -6.66 4.73
C LYS B 133 3.78 -5.94 5.75
N ARG B 134 3.13 -4.83 5.33
CA ARG B 134 2.26 -3.99 6.17
C ARG B 134 3.01 -3.49 7.42
N PHE B 135 4.31 -3.15 7.24
CA PHE B 135 5.17 -2.67 8.31
C PHE B 135 5.39 -1.15 8.21
N VAL B 136 5.34 -0.47 9.36
CA VAL B 136 5.54 0.98 9.41
C VAL B 136 6.88 1.28 10.12
N HIS B 137 7.83 1.93 9.39
CA HIS B 137 9.17 2.19 9.90
C HIS B 137 9.22 3.13 11.08
N ARG B 138 8.50 4.27 10.98
CA ARG B 138 8.39 5.38 11.94
C ARG B 138 9.60 6.35 11.92
N ASP B 139 10.74 5.99 11.29
CA ASP B 139 11.90 6.89 11.25
C ASP B 139 12.75 6.82 9.96
N ILE B 140 12.20 7.41 8.89
CA ILE B 140 12.92 7.50 7.63
C ILE B 140 13.66 8.84 7.62
N ALA B 141 15.00 8.78 7.56
CA ALA B 141 15.91 9.92 7.56
C ALA B 141 17.23 9.47 6.94
N ALA B 142 18.03 10.43 6.42
CA ALA B 142 19.36 10.15 5.85
C ALA B 142 20.33 9.60 6.92
N ARG B 143 20.09 9.92 8.20
CA ARG B 143 20.92 9.42 9.31
C ARG B 143 20.76 7.90 9.53
N ASN B 144 19.56 7.35 9.24
CA ASN B 144 19.21 5.92 9.38
C ASN B 144 19.47 5.10 8.10
N VAL B 145 20.15 5.72 7.11
CA VAL B 145 20.57 5.06 5.87
C VAL B 145 22.09 4.83 5.89
N LEU B 146 22.50 3.59 5.57
CA LEU B 146 23.90 3.18 5.50
C LEU B 146 24.35 2.98 4.04
N VAL B 147 25.63 3.24 3.77
CA VAL B 147 26.22 3.13 2.44
C VAL B 147 27.10 1.87 2.38
N SER B 148 26.68 0.90 1.56
CA SER B 148 27.41 -0.36 1.37
C SER B 148 28.54 -0.14 0.35
N SER B 149 28.21 0.44 -0.82
CA SER B 149 29.14 0.79 -1.88
C SER B 149 28.69 2.11 -2.55
N ASN B 150 29.46 2.61 -3.53
CA ASN B 150 29.16 3.84 -4.29
C ASN B 150 27.79 3.78 -4.98
N ASP B 151 27.30 2.57 -5.29
CA ASP B 151 26.02 2.38 -5.94
C ASP B 151 25.09 1.39 -5.20
N CYS B 152 25.13 1.41 -3.84
CA CYS B 152 24.29 0.55 -3.02
C CYS B 152 24.11 1.13 -1.61
N VAL B 153 22.87 1.42 -1.25
CA VAL B 153 22.50 1.92 0.08
C VAL B 153 21.53 0.96 0.77
N LYS B 154 21.55 0.95 2.08
CA LYS B 154 20.68 0.11 2.87
C LYS B 154 19.95 0.90 3.98
N LEU B 155 18.75 0.43 4.34
CA LEU B 155 17.95 0.99 5.41
C LEU B 155 18.28 0.22 6.70
N GLY B 156 18.72 0.93 7.72
CA GLY B 156 19.01 0.37 9.02
C GLY B 156 18.07 0.90 10.08
N ASP B 157 18.53 0.91 11.35
CA ASP B 157 17.83 1.42 12.54
C ASP B 157 16.37 0.97 12.70
N PHE B 158 16.17 -0.26 13.16
CA PHE B 158 14.81 -0.80 13.37
C PHE B 158 14.43 -0.93 14.87
N GLY B 159 15.06 -0.12 15.72
CA GLY B 159 14.81 -0.08 17.16
C GLY B 159 14.18 1.22 17.64
N LEU B 160 14.22 2.27 16.77
CA LEU B 160 13.67 3.63 16.98
C LEU B 160 14.43 4.42 18.06
N SER B 161 15.71 4.69 17.76
CA SER B 161 16.68 5.40 18.60
C SER B 161 16.17 6.73 19.17
N ARG B 162 15.47 7.52 18.34
CA ARG B 162 14.94 8.86 18.66
C ARG B 162 13.46 8.82 19.13
N TYR B 163 13.01 7.66 19.66
CA TYR B 163 11.66 7.43 20.20
C TYR B 163 11.72 6.69 21.54
N LEU B 177 13.32 13.67 19.51
CA LEU B 177 12.14 13.46 18.69
C LEU B 177 12.27 14.16 17.29
N PRO B 178 12.30 13.39 16.16
CA PRO B 178 12.55 14.02 14.85
C PRO B 178 11.39 14.80 14.24
N ILE B 179 11.00 15.91 14.90
CA ILE B 179 9.89 16.78 14.50
C ILE B 179 9.99 17.25 13.04
N LYS B 180 11.19 17.63 12.61
CA LYS B 180 11.44 18.16 11.27
C LYS B 180 11.30 17.13 10.15
N TRP B 181 11.21 15.83 10.48
CA TRP B 181 11.00 14.75 9.50
C TRP B 181 9.57 14.21 9.53
N MET B 182 8.89 14.35 10.68
CA MET B 182 7.54 13.85 10.94
C MET B 182 6.43 14.55 10.16
N ALA B 183 5.38 13.78 9.80
CA ALA B 183 4.17 14.26 9.12
C ALA B 183 3.31 15.00 10.18
N PRO B 184 2.49 16.02 9.80
CA PRO B 184 1.73 16.78 10.82
C PRO B 184 0.89 15.96 11.81
N GLU B 185 0.27 14.86 11.36
CA GLU B 185 -0.55 14.00 12.23
C GLU B 185 0.28 13.23 13.28
N SER B 186 1.57 12.99 13.00
CA SER B 186 2.48 12.31 13.93
C SER B 186 2.86 13.28 15.04
N ILE B 187 3.12 14.55 14.68
CA ILE B 187 3.46 15.63 15.63
C ILE B 187 2.26 15.89 16.53
N ASN B 188 1.08 16.16 15.92
CA ASN B 188 -0.15 16.53 16.60
C ASN B 188 -0.88 15.42 17.34
N PHE B 189 -0.84 14.17 16.82
CA PHE B 189 -1.60 13.07 17.43
C PHE B 189 -0.86 11.76 17.57
N ARG B 190 0.45 11.73 17.21
CA ARG B 190 1.29 10.53 17.28
C ARG B 190 0.71 9.36 16.44
N ARG B 191 0.15 9.70 15.27
CA ARG B 191 -0.42 8.71 14.36
C ARG B 191 0.65 8.35 13.34
N PHE B 192 1.07 7.08 13.32
CA PHE B 192 2.08 6.56 12.40
C PHE B 192 1.48 5.50 11.50
N THR B 193 1.48 5.79 10.22
CA THR B 193 0.89 4.97 9.18
C THR B 193 1.83 4.88 7.97
N SER B 194 1.37 4.21 6.90
CA SER B 194 2.10 4.09 5.65
C SER B 194 2.24 5.48 5.01
N ALA B 195 1.22 6.37 5.22
CA ALA B 195 1.17 7.73 4.67
C ALA B 195 2.17 8.66 5.32
N SER B 196 2.42 8.46 6.62
CA SER B 196 3.38 9.26 7.39
C SER B 196 4.80 8.87 6.97
N ASP B 197 5.01 7.58 6.63
CA ASP B 197 6.28 7.06 6.15
C ASP B 197 6.62 7.71 4.81
N VAL B 198 5.60 7.94 3.94
CA VAL B 198 5.73 8.63 2.65
C VAL B 198 6.23 10.07 2.87
N TRP B 199 5.62 10.82 3.80
CA TRP B 199 6.05 12.18 4.15
C TRP B 199 7.54 12.17 4.50
N MET B 200 7.95 11.28 5.42
CA MET B 200 9.33 11.11 5.87
C MET B 200 10.30 10.82 4.74
N PHE B 201 9.89 9.95 3.79
CA PHE B 201 10.70 9.63 2.60
C PHE B 201 10.90 10.88 1.73
N GLY B 202 9.89 11.76 1.69
CA GLY B 202 9.93 13.03 0.97
C GLY B 202 11.02 13.94 1.51
N VAL B 203 11.09 14.04 2.85
CA VAL B 203 12.10 14.83 3.59
C VAL B 203 13.49 14.21 3.34
N CYS B 204 13.55 12.88 3.31
CA CYS B 204 14.78 12.14 3.08
C CYS B 204 15.33 12.38 1.66
N MET B 205 14.45 12.46 0.64
CA MET B 205 14.83 12.76 -0.74
C MET B 205 15.37 14.18 -0.84
N TRP B 206 14.85 15.10 0.00
CA TRP B 206 15.28 16.49 0.06
C TRP B 206 16.72 16.55 0.60
N GLU B 207 16.99 15.83 1.73
CA GLU B 207 18.30 15.68 2.39
C GLU B 207 19.36 15.11 1.46
N ILE B 208 18.98 14.15 0.58
CA ILE B 208 19.87 13.52 -0.40
C ILE B 208 20.33 14.57 -1.43
N LEU B 209 19.38 15.34 -1.99
CA LEU B 209 19.69 16.39 -2.97
C LEU B 209 20.35 17.61 -2.34
N MET B 210 20.15 17.80 -1.03
CA MET B 210 20.76 18.90 -0.27
C MET B 210 22.13 18.51 0.28
N HIS B 211 22.68 17.38 -0.19
CA HIS B 211 23.99 16.81 0.15
C HIS B 211 24.23 16.65 1.67
N GLY B 212 23.25 16.04 2.35
CA GLY B 212 23.30 15.77 3.78
C GLY B 212 23.10 16.97 4.69
N VAL B 213 22.27 17.93 4.26
CA VAL B 213 21.95 19.11 5.09
C VAL B 213 20.63 18.79 5.81
N LYS B 214 20.57 19.07 7.13
CA LYS B 214 19.38 18.83 7.95
C LYS B 214 18.23 19.77 7.56
N PRO B 215 16.97 19.28 7.60
CA PRO B 215 15.83 20.16 7.25
C PRO B 215 15.49 21.18 8.34
N PHE B 216 15.05 22.38 7.95
CA PHE B 216 14.66 23.47 8.85
C PHE B 216 15.76 23.86 9.83
N GLN B 217 16.88 24.38 9.31
CA GLN B 217 17.98 24.79 10.17
C GLN B 217 17.70 26.15 10.77
N GLY B 218 17.94 26.28 12.07
CA GLY B 218 17.73 27.51 12.82
C GLY B 218 16.26 27.83 13.00
N VAL B 219 15.46 26.76 13.08
CA VAL B 219 14.01 26.78 13.29
C VAL B 219 13.77 25.93 14.52
N LYS B 220 12.95 26.43 15.44
CA LYS B 220 12.69 25.70 16.68
C LYS B 220 11.61 24.64 16.43
N ASN B 221 11.79 23.43 17.01
CA ASN B 221 10.87 22.30 16.85
C ASN B 221 9.39 22.67 17.04
N ASN B 222 9.09 23.49 18.05
CA ASN B 222 7.73 23.95 18.37
C ASN B 222 7.13 24.85 17.29
N ASP B 223 8.00 25.54 16.50
CA ASP B 223 7.61 26.46 15.43
C ASP B 223 7.41 25.75 14.08
N VAL B 224 7.87 24.49 13.94
CA VAL B 224 7.82 23.66 12.73
C VAL B 224 6.38 23.34 12.33
N ILE B 225 5.58 22.80 13.28
CA ILE B 225 4.18 22.43 13.05
C ILE B 225 3.36 23.65 12.59
N GLY B 226 3.60 24.81 13.20
CA GLY B 226 2.95 26.07 12.84
C GLY B 226 3.17 26.43 11.38
N ARG B 227 4.40 26.21 10.89
CA ARG B 227 4.78 26.48 9.52
C ARG B 227 4.11 25.50 8.55
N ILE B 228 4.16 24.18 8.85
CA ILE B 228 3.53 23.12 8.05
C ILE B 228 2.03 23.37 7.88
N GLU B 229 1.34 23.71 9.00
CA GLU B 229 -0.09 24.01 9.01
C GLU B 229 -0.45 25.25 8.18
N ASN B 230 0.51 26.19 8.00
CA ASN B 230 0.35 27.40 7.20
C ASN B 230 0.70 27.17 5.73
N GLY B 231 0.92 25.91 5.36
CA GLY B 231 1.22 25.50 4.00
C GLY B 231 2.66 25.63 3.56
N GLU B 232 3.56 26.01 4.48
CA GLU B 232 4.99 26.18 4.23
C GLU B 232 5.68 24.80 4.07
N ARG B 233 6.58 24.70 3.10
CA ARG B 233 7.31 23.48 2.80
C ARG B 233 8.81 23.74 2.58
N LEU B 234 9.62 22.67 2.50
CA LEU B 234 11.06 22.78 2.24
C LEU B 234 11.31 23.25 0.80
N PRO B 235 12.23 24.23 0.59
CA PRO B 235 12.43 24.75 -0.77
C PRO B 235 12.99 23.76 -1.77
N MET B 236 12.85 24.06 -3.07
CA MET B 236 13.41 23.19 -4.10
C MET B 236 14.93 23.29 -4.04
N PRO B 237 15.66 22.16 -3.81
CA PRO B 237 17.14 22.22 -3.77
C PRO B 237 17.75 22.82 -5.05
N PRO B 238 18.93 23.51 -4.99
CA PRO B 238 19.49 24.13 -6.20
C PRO B 238 19.73 23.17 -7.37
N ASN B 239 20.20 21.95 -7.07
CA ASN B 239 20.48 20.89 -8.04
C ASN B 239 19.29 19.91 -8.01
N CYS B 240 18.16 20.31 -8.61
CA CYS B 240 16.97 19.44 -8.55
C CYS B 240 16.07 19.52 -9.77
N PRO B 241 15.82 18.36 -10.44
CA PRO B 241 14.84 18.36 -11.53
C PRO B 241 13.48 18.80 -10.99
N PRO B 242 12.80 19.80 -11.60
CA PRO B 242 11.49 20.22 -11.08
C PRO B 242 10.43 19.11 -11.02
N THR B 243 10.65 18.04 -11.81
CA THR B 243 9.80 16.85 -11.85
C THR B 243 9.95 16.03 -10.57
N LEU B 244 11.19 16.01 -10.03
CA LEU B 244 11.53 15.31 -8.79
C LEU B 244 11.01 16.08 -7.57
N TYR B 245 11.05 17.43 -7.63
CA TYR B 245 10.52 18.28 -6.57
C TYR B 245 9.00 18.20 -6.57
N SER B 246 8.40 18.00 -7.77
CA SER B 246 6.96 17.82 -7.97
C SER B 246 6.49 16.56 -7.22
N LEU B 247 7.36 15.54 -7.19
CA LEU B 247 7.14 14.26 -6.54
C LEU B 247 7.18 14.41 -4.99
N MET B 248 8.16 15.18 -4.45
CA MET B 248 8.28 15.42 -3.01
C MET B 248 7.07 16.19 -2.47
N THR B 249 6.55 17.15 -3.25
CA THR B 249 5.39 17.97 -2.87
C THR B 249 4.13 17.13 -2.76
N LYS B 250 4.10 15.98 -3.47
CA LYS B 250 2.99 15.01 -3.41
C LYS B 250 3.07 14.25 -2.08
N CYS B 251 4.30 13.94 -1.60
CA CYS B 251 4.59 13.30 -0.31
C CYS B 251 4.22 14.22 0.85
N TRP B 252 4.23 15.54 0.61
CA TRP B 252 3.98 16.55 1.64
C TRP B 252 2.55 17.12 1.63
N ALA B 253 1.59 16.36 1.12
CA ALA B 253 0.18 16.75 1.16
C ALA B 253 -0.23 16.71 2.64
N TYR B 254 -0.95 17.73 3.12
CA TYR B 254 -1.38 17.76 4.52
C TYR B 254 -2.26 16.53 4.85
N ASP B 255 -3.26 16.24 3.99
CA ASP B 255 -4.17 15.10 4.13
C ASP B 255 -3.42 13.79 3.79
N PRO B 256 -3.28 12.85 4.75
CA PRO B 256 -2.58 11.59 4.45
C PRO B 256 -3.14 10.80 3.28
N SER B 257 -4.47 10.73 3.15
CA SER B 257 -5.18 10.00 2.08
C SER B 257 -4.84 10.50 0.66
N ARG B 258 -4.28 11.72 0.53
CA ARG B 258 -3.88 12.34 -0.72
C ARG B 258 -2.42 11.98 -1.14
N ARG B 259 -1.60 11.48 -0.18
CA ARG B 259 -0.18 11.12 -0.43
C ARG B 259 -0.04 9.84 -1.26
N PRO B 260 0.97 9.75 -2.16
CA PRO B 260 1.12 8.53 -2.97
C PRO B 260 1.63 7.35 -2.18
N ARG B 261 1.51 6.13 -2.71
CA ARG B 261 2.08 4.94 -2.06
C ARG B 261 3.49 4.63 -2.63
N PHE B 262 4.30 3.82 -1.92
CA PHE B 262 5.67 3.51 -2.35
C PHE B 262 5.78 2.77 -3.69
N THR B 263 4.75 2.02 -4.11
CA THR B 263 4.75 1.35 -5.42
C THR B 263 4.73 2.41 -6.57
N GLU B 264 4.04 3.54 -6.36
CA GLU B 264 3.96 4.64 -7.33
C GLU B 264 5.25 5.43 -7.36
N LEU B 265 5.83 5.75 -6.15
CA LEU B 265 7.08 6.50 -5.98
C LEU B 265 8.26 5.78 -6.64
N LYS B 266 8.30 4.45 -6.47
CA LYS B 266 9.27 3.52 -7.07
C LYS B 266 9.26 3.71 -8.59
N ALA B 267 8.07 3.60 -9.20
CA ALA B 267 7.81 3.73 -10.62
C ALA B 267 8.16 5.13 -11.17
N GLN B 268 7.84 6.17 -10.40
CA GLN B 268 8.11 7.55 -10.80
C GLN B 268 9.61 7.86 -10.80
N LEU B 269 10.34 7.38 -9.76
CA LEU B 269 11.80 7.53 -9.66
C LEU B 269 12.53 6.79 -10.80
N SER B 270 11.95 5.68 -11.29
CA SER B 270 12.48 4.91 -12.42
C SER B 270 12.52 5.77 -13.66
N THR B 271 11.40 6.46 -13.98
CA THR B 271 11.29 7.34 -15.15
C THR B 271 12.21 8.55 -15.00
N ILE B 272 12.27 9.16 -13.79
CA ILE B 272 13.12 10.30 -13.44
C ILE B 272 14.59 9.95 -13.68
N LEU B 273 15.02 8.76 -13.18
CA LEU B 273 16.38 8.20 -13.31
C LEU B 273 16.83 8.16 -14.77
N GLU B 274 15.91 7.79 -15.67
CA GLU B 274 16.16 7.65 -17.10
C GLU B 274 16.11 8.99 -17.85
N GLU B 275 14.96 9.70 -17.76
CA GLU B 275 14.68 10.97 -18.44
C GLU B 275 15.64 12.11 -18.13
N GLU B 276 16.04 12.29 -16.87
CA GLU B 276 16.92 13.38 -16.47
C GLU B 276 18.38 13.18 -16.93
N LYS B 277 19.03 12.10 -16.45
CA LYS B 277 20.42 11.81 -16.79
C LYS B 277 20.52 10.67 -17.82
C1 K8A C . -26.56 -2.66 -15.00
N2 K8A C . -27.96 -4.27 -15.11
N3 K8A C . -27.13 -3.56 -15.78
N4 K8A C . -27.96 -3.90 -13.88
N5 K8A C . -27.05 -2.85 -13.75
C6 K8A C . -25.53 -1.66 -15.40
N7 K8A C . -23.92 -0.89 -16.98
C8 K8A C . -25.18 -0.59 -14.54
C9 K8A C . -24.86 -1.76 -16.64
C10 K8A C . -24.20 0.30 -14.96
BR1 K8A C . -23.67 1.72 -13.82
C12 K8A C . -23.57 0.12 -16.18
C1 K8A D . 27.89 1.95 10.69
N2 K8A D . 29.19 3.64 10.84
N3 K8A D . 29.03 2.49 10.31
N4 K8A D . 28.18 3.94 11.59
N5 K8A D . 27.30 2.86 11.53
C6 K8A D . 27.34 0.64 10.30
N7 K8A D . 27.38 -1.26 8.87
C8 K8A D . 26.25 0.07 10.99
C9 K8A D . 27.88 -0.08 9.22
C10 K8A D . 25.76 -1.17 10.59
BR1 K8A D . 24.30 -1.96 11.48
C12 K8A D . 26.35 -1.80 9.50
#